data_9PMZ
#
_entry.id   9PMZ
#
_cell.length_a   144.281
_cell.length_b   144.281
_cell.length_c   144.281
_cell.angle_alpha   90.000
_cell.angle_beta   90.000
_cell.angle_gamma   90.000
#
_symmetry.space_group_name_H-M   'I 2 3'
#
loop_
_entity.id
_entity.type
_entity.pdbx_description
1 polymer 'Epidermal growth factor receptor'
2 non-polymer Icotinib
3 water water
#
_entity_poly.entity_id   1
_entity_poly.type   'polypeptide(L)'
_entity_poly.pdbx_seq_one_letter_code
;GEAPNQALLRILKETEFKKIKVLGSGAFGTVYKGLWIPEGEKVKIPVAIKELREATSPKANKEILDEAYVMASVDNPHVC
RLLGICLTSTVQLITQLMPFGCLLDYVREHKDNIGSQYLLNWCVQIAKGMNYLEDRRLVHRDLAARNVLVKTPQHVKITD
FGLAKLLGAEEKEYHAEGGKVPIKWMALESILHRIYTHQSDVWSYGVTVWELMTFGSKPYDGIPASEISSILEKGERLPQ
PPICTIDVYMIMVKCWMIDADSRPKFRELIIEFSKMARDPQRYLVIQGDERMHLPSPTDSNFYRALMDEEDMDDVVDADE
YLIPQQG
;
_entity_poly.pdbx_strand_id   A
#
loop_
_chem_comp.id
_chem_comp.type
_chem_comp.name
_chem_comp.formula
A1CI6 non-polymer Icotinib 'C22 H21 N3 O4'
#
# COMPACT_ATOMS: atom_id res chain seq x y z
N GLY A 1 10.28 -13.99 22.93
CA GLY A 1 9.00 -13.78 23.59
C GLY A 1 7.90 -13.20 22.68
N GLU A 2 7.80 -13.73 21.45
CA GLU A 2 6.79 -13.32 20.49
C GLU A 2 5.57 -14.26 20.47
N ALA A 3 4.44 -13.74 19.97
CA ALA A 3 3.26 -14.59 19.94
C ALA A 3 3.32 -15.60 18.78
N PRO A 4 2.75 -16.80 18.99
CA PRO A 4 2.66 -17.79 17.90
C PRO A 4 1.81 -17.27 16.74
N ASN A 5 2.32 -17.43 15.53
CA ASN A 5 1.59 -16.94 14.35
C ASN A 5 0.63 -18.02 13.89
N GLN A 6 -0.59 -17.99 14.42
CA GLN A 6 -1.56 -19.02 14.12
C GLN A 6 -2.36 -18.76 12.84
N ALA A 7 -1.90 -17.89 11.96
CA ALA A 7 -2.60 -17.73 10.70
C ALA A 7 -2.72 -19.07 9.96
N LEU A 8 -3.78 -19.20 9.17
CA LEU A 8 -4.02 -20.37 8.32
C LEU A 8 -3.48 -20.14 6.91
N LEU A 9 -2.86 -21.18 6.34
CA LEU A 9 -2.39 -21.18 4.96
C LEU A 9 -3.32 -22.08 4.17
N ARG A 10 -4.21 -21.48 3.39
CA ARG A 10 -5.19 -22.23 2.62
C ARG A 10 -4.57 -22.66 1.29
N ILE A 11 -4.64 -23.97 1.01
CA ILE A 11 -4.13 -24.54 -0.23
C ILE A 11 -5.34 -24.81 -1.14
N LEU A 12 -5.34 -24.20 -2.31
CA LEU A 12 -6.48 -24.22 -3.23
C LEU A 12 -6.23 -25.19 -4.38
N LYS A 13 -7.25 -26.00 -4.68
CA LYS A 13 -7.23 -26.81 -5.89
C LYS A 13 -7.28 -25.88 -7.09
N GLU A 14 -6.39 -26.08 -8.05
CA GLU A 14 -6.36 -25.20 -9.21
C GLU A 14 -7.66 -25.30 -10.01
N THR A 15 -8.41 -26.39 -9.85
CA THR A 15 -9.71 -26.54 -10.47
C THR A 15 -10.79 -25.70 -9.79
N GLU A 16 -10.50 -25.10 -8.64
CA GLU A 16 -11.45 -24.23 -7.97
C GLU A 16 -11.48 -22.83 -8.54
N PHE A 17 -10.55 -22.47 -9.40
CA PHE A 17 -10.60 -21.11 -9.89
C PHE A 17 -10.31 -21.07 -11.38
N LYS A 18 -10.81 -20.02 -12.02
CA LYS A 18 -10.85 -19.83 -13.47
C LYS A 18 -10.18 -18.50 -13.80
N LYS A 19 -8.91 -18.53 -14.23
CA LYS A 19 -8.29 -17.34 -14.79
C LYS A 19 -9.16 -16.77 -15.93
N ILE A 20 -8.94 -15.50 -16.25
CA ILE A 20 -9.85 -14.82 -17.14
C ILE A 20 -9.16 -13.73 -17.96
N LYS A 21 -7.93 -13.40 -17.58
CA LYS A 21 -7.26 -12.28 -18.22
C LYS A 21 -5.96 -11.93 -17.51
N VAL A 22 -4.94 -11.53 -18.26
CA VAL A 22 -3.75 -10.97 -17.66
C VAL A 22 -4.04 -9.54 -17.27
N LEU A 23 -3.56 -9.13 -16.09
CA LEU A 23 -3.63 -7.73 -15.68
C LEU A 23 -2.28 -7.02 -15.75
N GLY A 24 -1.17 -7.75 -15.64
CA GLY A 24 0.14 -7.09 -15.62
C GLY A 24 1.23 -8.10 -15.84
N SER A 25 2.44 -7.56 -16.04
CA SER A 25 3.68 -8.36 -16.18
C SER A 25 4.93 -7.54 -15.80
N GLY A 29 7.07 -12.71 -13.09
CA GLY A 29 5.94 -12.06 -12.46
C GLY A 29 4.73 -11.71 -13.35
N THR A 30 3.57 -12.32 -13.06
CA THR A 30 2.31 -12.13 -13.77
C THR A 30 1.14 -12.14 -12.79
N VAL A 31 0.20 -11.20 -12.95
CA VAL A 31 -1.03 -11.14 -12.15
C VAL A 31 -2.21 -11.27 -13.11
N TYR A 32 -3.15 -12.18 -12.81
CA TYR A 32 -4.35 -12.37 -13.63
C TYR A 32 -5.61 -12.07 -12.82
N LYS A 33 -6.65 -11.67 -13.51
CA LYS A 33 -7.98 -11.63 -12.94
C LYS A 33 -8.62 -13.01 -13.11
N GLY A 34 -9.46 -13.38 -12.15
CA GLY A 34 -10.20 -14.63 -12.28
C GLY A 34 -11.28 -14.76 -11.23
N LEU A 35 -11.89 -15.93 -11.19
CA LEU A 35 -12.94 -16.24 -10.24
C LEU A 35 -12.60 -17.51 -9.47
N TRP A 36 -12.83 -17.48 -8.16
CA TRP A 36 -12.57 -18.60 -7.27
C TRP A 36 -13.89 -19.08 -6.72
N ILE A 37 -14.17 -20.36 -6.92
CA ILE A 37 -15.41 -20.94 -6.44
C ILE A 37 -15.02 -22.00 -5.42
N PRO A 38 -14.98 -21.69 -4.10
CA PRO A 38 -14.74 -22.73 -3.07
C PRO A 38 -15.58 -23.96 -3.45
N GLU A 39 -14.96 -25.13 -3.57
CA GLU A 39 -15.65 -26.34 -4.08
C GLU A 39 -17.07 -26.52 -3.54
N GLY A 40 -17.22 -26.81 -2.25
CA GLY A 40 -18.58 -27.12 -1.74
C GLY A 40 -19.35 -25.90 -1.33
N GLU A 41 -18.98 -24.72 -1.83
CA GLU A 41 -19.63 -23.48 -1.38
C GLU A 41 -20.31 -22.80 -2.57
N LYS A 42 -21.50 -22.24 -2.34
CA LYS A 42 -22.24 -21.64 -3.47
C LYS A 42 -21.84 -20.16 -3.56
N VAL A 43 -20.55 -19.90 -3.65
CA VAL A 43 -20.06 -18.53 -3.79
C VAL A 43 -19.07 -18.50 -4.96
N LYS A 44 -18.95 -17.32 -5.58
CA LYS A 44 -17.93 -17.02 -6.57
C LYS A 44 -17.17 -15.80 -6.09
N ILE A 45 -15.85 -15.85 -6.12
CA ILE A 45 -15.06 -14.80 -5.49
C ILE A 45 -14.10 -14.20 -6.52
N PRO A 46 -14.23 -12.91 -6.83
CA PRO A 46 -13.27 -12.26 -7.74
C PRO A 46 -11.90 -12.22 -7.10
N VAL A 47 -10.89 -12.71 -7.83
CA VAL A 47 -9.53 -12.88 -7.31
C VAL A 47 -8.51 -12.36 -8.31
N ALA A 48 -7.40 -11.89 -7.78
CA ALA A 48 -6.16 -11.73 -8.52
C ALA A 48 -5.27 -12.93 -8.21
N ILE A 49 -4.61 -13.45 -9.24
CA ILE A 49 -3.72 -14.60 -9.17
C ILE A 49 -2.34 -14.16 -9.63
N LYS A 50 -1.35 -14.30 -8.75
CA LYS A 50 -0.01 -13.84 -9.05
C LYS A 50 0.95 -15.00 -9.20
N PRO A 58 14.20 -22.87 -7.97
CA PRO A 58 14.10 -22.36 -6.59
C PRO A 58 14.13 -20.84 -6.56
N LYS A 59 14.66 -20.28 -5.46
CA LYS A 59 14.95 -18.85 -5.33
C LYS A 59 13.69 -18.01 -5.49
N ALA A 60 13.11 -17.96 -6.68
CA ALA A 60 11.85 -17.20 -6.85
C ALA A 60 10.78 -17.77 -5.92
N ASN A 61 10.60 -19.09 -5.94
CA ASN A 61 9.58 -19.76 -5.10
C ASN A 61 9.76 -19.35 -3.63
N LYS A 62 10.99 -19.43 -3.12
CA LYS A 62 11.26 -19.02 -1.73
C LYS A 62 10.70 -17.62 -1.48
N GLU A 63 10.98 -16.69 -2.40
CA GLU A 63 10.53 -15.31 -2.15
C GLU A 63 9.01 -15.20 -2.18
N ILE A 64 8.36 -15.73 -3.22
CA ILE A 64 6.91 -15.57 -3.29
C ILE A 64 6.24 -16.21 -2.07
N LEU A 65 6.86 -17.26 -1.50
CA LEU A 65 6.28 -17.86 -0.30
C LEU A 65 6.51 -16.97 0.91
N ASP A 66 7.57 -16.16 0.90
CA ASP A 66 7.69 -15.16 1.96
C ASP A 66 6.53 -14.18 1.87
N GLU A 67 6.18 -13.80 0.64
CA GLU A 67 5.03 -12.94 0.45
C GLU A 67 3.77 -13.61 0.96
N ALA A 68 3.52 -14.86 0.52
CA ALA A 68 2.34 -15.57 0.99
C ALA A 68 2.31 -15.60 2.51
N TYR A 69 3.48 -15.86 3.13
CA TYR A 69 3.56 -15.87 4.59
C TYR A 69 3.01 -14.56 5.18
N VAL A 70 3.51 -13.42 4.69
CA VAL A 70 3.09 -12.13 5.25
C VAL A 70 1.61 -11.88 4.97
N MET A 71 1.16 -12.07 3.71
CA MET A 71 -0.23 -11.77 3.36
C MET A 71 -1.22 -12.63 4.15
N ALA A 72 -0.86 -13.90 4.40
CA ALA A 72 -1.74 -14.75 5.20
C ALA A 72 -1.77 -14.33 6.66
N SER A 73 -0.77 -13.58 7.12
CA SER A 73 -0.69 -13.25 8.53
C SER A 73 -1.31 -11.90 8.86
N VAL A 74 -1.90 -11.19 7.89
CA VAL A 74 -2.53 -9.91 8.17
C VAL A 74 -4.03 -10.01 7.90
N ASP A 75 -4.82 -9.36 8.74
CA ASP A 75 -6.27 -9.30 8.56
C ASP A 75 -6.77 -7.92 8.97
N ASN A 76 -6.90 -7.01 8.02
CA ASN A 76 -7.35 -5.66 8.37
C ASN A 76 -7.98 -5.05 7.14
N PRO A 77 -9.05 -4.25 7.31
CA PRO A 77 -9.76 -3.69 6.13
C PRO A 77 -8.89 -2.88 5.19
N HIS A 78 -7.67 -2.50 5.59
CA HIS A 78 -6.81 -1.69 4.72
C HIS A 78 -5.50 -2.39 4.41
N VAL A 79 -5.48 -3.72 4.49
CA VAL A 79 -4.37 -4.51 3.96
C VAL A 79 -4.96 -5.65 3.15
N CYS A 80 -4.32 -5.97 2.04
CA CYS A 80 -4.70 -7.11 1.24
C CYS A 80 -4.25 -8.38 1.95
N ARG A 81 -5.19 -9.31 2.11
CA ARG A 81 -4.87 -10.61 2.76
C ARG A 81 -4.86 -11.73 1.72
N LEU A 82 -3.97 -12.68 1.90
CA LEU A 82 -3.91 -13.85 1.03
C LEU A 82 -5.18 -14.68 1.20
N LEU A 83 -5.86 -14.98 0.09
CA LEU A 83 -6.95 -15.96 0.19
C LEU A 83 -6.42 -17.39 0.22
N GLY A 84 -5.38 -17.69 -0.54
CA GLY A 84 -4.80 -19.02 -0.55
C GLY A 84 -3.64 -19.07 -1.52
N ILE A 85 -2.97 -20.22 -1.55
CA ILE A 85 -2.00 -20.43 -2.61
C ILE A 85 -2.39 -21.67 -3.38
N CYS A 86 -1.95 -21.74 -4.62
CA CYS A 86 -2.13 -22.92 -5.44
C CYS A 86 -0.75 -23.49 -5.76
N LEU A 87 -0.57 -24.77 -5.48
CA LEU A 87 0.72 -25.44 -5.63
C LEU A 87 0.65 -26.38 -6.84
N THR A 88 0.69 -25.79 -8.03
CA THR A 88 0.67 -26.56 -9.28
C THR A 88 2.08 -26.59 -9.84
N SER A 89 2.21 -26.68 -11.16
CA SER A 89 3.53 -26.55 -11.76
C SER A 89 4.25 -25.30 -11.26
N THR A 90 3.50 -24.24 -10.95
CA THR A 90 4.04 -22.98 -10.48
C THR A 90 3.36 -22.60 -9.15
N VAL A 91 3.90 -21.59 -8.48
CA VAL A 91 3.37 -21.12 -7.20
C VAL A 91 2.52 -19.87 -7.43
N GLN A 92 1.22 -20.04 -7.23
CA GLN A 92 0.30 -18.91 -7.46
C GLN A 92 -0.30 -18.39 -6.16
N LEU A 93 -0.05 -17.11 -5.86
CA LEU A 93 -0.76 -16.45 -4.77
C LEU A 93 -2.13 -16.00 -5.27
N ILE A 94 -3.19 -16.32 -4.51
CA ILE A 94 -4.56 -15.93 -4.84
C ILE A 94 -5.05 -14.93 -3.80
N THR A 95 -5.49 -13.76 -4.26
CA THR A 95 -5.93 -12.73 -3.34
C THR A 95 -7.20 -12.08 -3.86
N GLN A 96 -7.78 -11.21 -3.01
CA GLN A 96 -8.95 -10.43 -3.36
C GLN A 96 -8.68 -9.56 -4.58
N LEU A 97 -9.57 -9.65 -5.58
CA LEU A 97 -9.45 -8.79 -6.76
C LEU A 97 -9.70 -7.33 -6.39
N MET A 98 -8.76 -6.47 -6.74
CA MET A 98 -8.90 -5.05 -6.48
C MET A 98 -9.21 -4.37 -7.82
N PRO A 99 -10.49 -4.29 -8.18
CA PRO A 99 -10.85 -4.02 -9.58
C PRO A 99 -10.24 -2.75 -10.16
N PHE A 100 -10.09 -1.70 -9.34
CA PHE A 100 -9.64 -0.41 -9.86
C PHE A 100 -8.14 -0.26 -9.94
N GLY A 101 -7.40 -1.35 -9.78
CA GLY A 101 -5.98 -1.30 -9.96
C GLY A 101 -5.31 -0.59 -8.80
N CYS A 102 -4.04 -0.22 -9.01
CA CYS A 102 -3.29 0.42 -7.95
C CYS A 102 -3.52 1.93 -7.98
N LEU A 103 -3.32 2.54 -6.81
CA LEU A 103 -3.70 3.93 -6.59
C LEU A 103 -2.81 4.90 -7.38
N LEU A 104 -1.54 4.53 -7.66
CA LEU A 104 -0.69 5.39 -8.50
C LEU A 104 -1.32 5.59 -9.87
N ASP A 105 -1.67 4.49 -10.55
CA ASP A 105 -2.37 4.61 -11.83
C ASP A 105 -3.70 5.32 -11.65
N TYR A 106 -4.52 4.85 -10.70
CA TYR A 106 -5.84 5.44 -10.50
C TYR A 106 -5.79 6.96 -10.43
N VAL A 107 -4.82 7.48 -9.69
CA VAL A 107 -4.79 8.92 -9.45
C VAL A 107 -4.39 9.65 -10.73
N ARG A 108 -3.45 9.06 -11.49
CA ARG A 108 -3.10 9.65 -12.79
C ARG A 108 -4.26 9.61 -13.78
N GLU A 109 -5.01 8.53 -13.83
CA GLU A 109 -6.09 8.42 -14.85
C GLU A 109 -7.24 9.39 -14.53
N HIS A 110 -7.57 9.57 -13.26
CA HIS A 110 -8.72 10.40 -12.92
C HIS A 110 -8.32 11.72 -12.28
N LYS A 111 -7.10 12.20 -12.58
CA LYS A 111 -6.57 13.49 -12.12
C LYS A 111 -7.66 14.52 -11.89
N ASP A 112 -8.55 14.71 -12.88
CA ASP A 112 -9.51 15.80 -12.90
C ASP A 112 -10.81 15.44 -12.21
N ASN A 113 -10.86 14.35 -11.49
CA ASN A 113 -12.12 13.93 -10.89
C ASN A 113 -11.93 13.54 -9.44
N ILE A 114 -10.80 13.87 -8.84
CA ILE A 114 -10.49 13.46 -7.48
C ILE A 114 -10.60 14.69 -6.60
N GLY A 115 -11.54 14.68 -5.66
CA GLY A 115 -11.69 15.78 -4.73
C GLY A 115 -10.84 15.62 -3.45
N SER A 116 -10.82 16.71 -2.66
CA SER A 116 -10.09 16.70 -1.40
C SER A 116 -10.57 15.60 -0.47
N GLN A 117 -11.86 15.32 -0.49
CA GLN A 117 -12.42 14.29 0.42
C GLN A 117 -11.78 12.94 0.12
N TYR A 118 -11.67 12.59 -1.16
CA TYR A 118 -11.07 11.31 -1.50
C TYR A 118 -9.60 11.26 -1.11
N LEU A 119 -8.82 12.26 -1.53
CA LEU A 119 -7.40 12.29 -1.19
C LEU A 119 -7.17 12.16 0.31
N LEU A 120 -7.85 12.97 1.11
CA LEU A 120 -7.65 12.87 2.56
C LEU A 120 -8.11 11.53 3.10
N ASN A 121 -9.25 11.00 2.59
CA ASN A 121 -9.69 9.69 3.06
C ASN A 121 -8.69 8.60 2.71
N TRP A 122 -8.14 8.61 1.50
CA TRP A 122 -7.07 7.67 1.19
C TRP A 122 -5.93 7.77 2.22
N CYS A 123 -5.51 9.00 2.55
CA CYS A 123 -4.43 9.17 3.53
C CYS A 123 -4.79 8.52 4.86
N VAL A 124 -6.04 8.73 5.31
CA VAL A 124 -6.49 8.11 6.56
C VAL A 124 -6.44 6.58 6.47
N GLN A 125 -6.91 6.03 5.35
CA GLN A 125 -7.03 4.59 5.23
C GLN A 125 -5.65 3.95 5.15
N ILE A 126 -4.73 4.58 4.43
CA ILE A 126 -3.36 4.09 4.35
C ILE A 126 -2.68 4.14 5.71
N ALA A 127 -2.90 5.23 6.47
CA ALA A 127 -2.37 5.29 7.84
C ALA A 127 -2.98 4.19 8.71
N LYS A 128 -4.27 3.89 8.55
CA LYS A 128 -4.87 2.79 9.30
C LYS A 128 -4.20 1.46 8.94
N GLY A 129 -4.05 1.17 7.64
CA GLY A 129 -3.33 -0.04 7.25
C GLY A 129 -1.96 -0.11 7.85
N MET A 130 -1.20 1.00 7.77
CA MET A 130 0.16 1.01 8.28
C MET A 130 0.20 0.90 9.79
N ASN A 131 -0.72 1.58 10.47
CA ASN A 131 -0.83 1.42 11.92
C ASN A 131 -1.13 -0.03 12.28
N TYR A 132 -2.01 -0.68 11.51
CA TYR A 132 -2.27 -2.09 11.75
C TYR A 132 -0.99 -2.89 11.62
N LEU A 133 -0.24 -2.69 10.52
CA LEU A 133 1.01 -3.45 10.36
C LEU A 133 1.95 -3.17 11.52
N GLU A 134 1.96 -1.95 12.06
CA GLU A 134 2.80 -1.64 13.22
C GLU A 134 2.35 -2.47 14.43
N ASP A 135 1.04 -2.51 14.69
CA ASP A 135 0.52 -3.42 15.72
C ASP A 135 1.11 -4.82 15.56
N ARG A 136 1.02 -5.37 14.35
CA ARG A 136 1.50 -6.71 14.05
C ARG A 136 3.00 -6.75 13.95
N ARG A 137 3.66 -5.73 14.48
CA ARG A 137 5.12 -5.68 14.54
C ARG A 137 5.75 -5.92 13.16
N LEU A 138 5.13 -5.40 12.12
CA LEU A 138 5.56 -5.64 10.74
C LEU A 138 6.04 -4.33 10.10
N VAL A 139 7.20 -4.36 9.46
CA VAL A 139 7.73 -3.22 8.72
C VAL A 139 7.58 -3.52 7.24
N HIS A 140 6.88 -2.62 6.51
CA HIS A 140 6.54 -2.90 5.13
C HIS A 140 7.76 -2.77 4.23
N ARG A 141 8.50 -1.67 4.39
CA ARG A 141 9.76 -1.41 3.68
C ARG A 141 9.55 -1.03 2.21
N ASP A 142 8.33 -1.16 1.70
CA ASP A 142 8.10 -0.73 0.32
C ASP A 142 6.75 -0.03 0.17
N LEU A 143 6.39 0.81 1.16
CA LEU A 143 5.17 1.62 1.04
C LEU A 143 5.33 2.64 -0.08
N ALA A 144 4.34 2.69 -0.98
CA ALA A 144 4.37 3.60 -2.14
C ALA A 144 3.00 3.54 -2.80
N ALA A 145 2.72 4.54 -3.63
CA ALA A 145 1.39 4.63 -4.22
C ALA A 145 1.14 3.47 -5.17
N ARG A 146 2.19 2.93 -5.80
CA ARG A 146 2.04 1.76 -6.67
C ARG A 146 1.63 0.52 -5.88
N ASN A 147 1.99 0.47 -4.60
CA ASN A 147 1.73 -0.76 -3.79
C ASN A 147 0.46 -0.58 -2.96
N VAL A 148 -0.33 0.44 -3.27
CA VAL A 148 -1.64 0.61 -2.59
C VAL A 148 -2.68 0.31 -3.68
N LEU A 149 -3.65 -0.55 -3.37
CA LEU A 149 -4.64 -0.98 -4.37
C LEU A 149 -6.01 -0.35 -4.06
N VAL A 150 -6.89 -0.33 -5.05
CA VAL A 150 -8.17 0.35 -4.95
C VAL A 150 -9.28 -0.69 -5.11
N LYS A 151 -9.94 -1.02 -4.00
CA LYS A 151 -11.09 -1.92 -4.08
C LYS A 151 -12.28 -1.20 -4.68
N THR A 152 -12.61 -0.04 -4.13
CA THR A 152 -13.47 0.98 -4.72
C THR A 152 -12.78 2.30 -4.52
N PRO A 153 -13.20 3.37 -5.23
CA PRO A 153 -12.66 4.71 -4.98
C PRO A 153 -12.74 5.08 -3.50
N GLN A 154 -13.68 4.48 -2.78
CA GLN A 154 -13.86 4.78 -1.37
C GLN A 154 -12.99 3.90 -0.47
N HIS A 155 -12.34 2.86 -0.99
CA HIS A 155 -11.74 1.85 -0.13
C HIS A 155 -10.44 1.34 -0.74
N VAL A 156 -9.30 1.79 -0.22
CA VAL A 156 -8.00 1.34 -0.70
C VAL A 156 -7.39 0.44 0.37
N LYS A 157 -6.39 -0.37 -0.05
CA LYS A 157 -5.72 -1.34 0.80
C LYS A 157 -4.24 -1.44 0.39
N ILE A 158 -3.36 -1.61 1.38
CA ILE A 158 -1.92 -1.75 1.15
C ILE A 158 -1.62 -3.19 0.72
N THR A 159 -0.69 -3.34 -0.21
CA THR A 159 -0.31 -4.67 -0.66
C THR A 159 1.20 -4.71 -0.90
N ASP A 160 1.63 -5.77 -1.61
CA ASP A 160 3.01 -6.03 -1.95
C ASP A 160 3.91 -6.08 -0.73
N PHE A 161 3.82 -7.18 0.02
CA PHE A 161 4.64 -7.42 1.20
C PHE A 161 5.91 -8.20 0.86
N GLY A 162 6.29 -8.24 -0.42
CA GLY A 162 7.51 -8.92 -0.85
C GLY A 162 8.79 -8.38 -0.27
N LEU A 163 8.75 -7.28 0.48
CA LEU A 163 9.92 -6.82 1.23
C LEU A 163 9.66 -6.74 2.73
N ALA A 164 8.45 -7.02 3.19
CA ALA A 164 8.13 -6.77 4.58
C ALA A 164 8.95 -7.68 5.49
N LYS A 165 9.15 -7.22 6.73
CA LYS A 165 9.93 -7.95 7.72
C LYS A 165 9.36 -7.64 9.09
N LEU A 166 9.59 -8.55 10.04
CA LEU A 166 9.27 -8.28 11.47
C LEU A 166 10.45 -7.70 12.27
N VAL A 181 15.89 -1.80 -4.80
CA VAL A 181 15.57 -1.06 -3.58
C VAL A 181 15.01 0.34 -3.90
N PRO A 182 13.78 0.64 -3.41
CA PRO A 182 13.13 1.91 -3.79
C PRO A 182 13.77 3.13 -3.11
N ILE A 183 14.83 3.67 -3.71
CA ILE A 183 15.62 4.70 -3.04
C ILE A 183 14.77 5.94 -2.76
N LYS A 184 13.99 6.36 -3.75
CA LYS A 184 13.24 7.61 -3.69
C LYS A 184 12.09 7.59 -2.69
N TRP A 185 11.79 6.44 -2.07
CA TRP A 185 10.77 6.37 -1.03
C TRP A 185 11.36 6.08 0.35
N MET A 186 12.69 6.00 0.46
CA MET A 186 13.32 5.42 1.64
C MET A 186 13.82 6.48 2.61
N ALA A 187 13.62 6.22 3.91
CA ALA A 187 14.20 7.06 4.94
C ALA A 187 15.69 7.22 4.68
N LEU A 188 16.28 8.31 5.17
CA LEU A 188 17.72 8.51 4.95
C LEU A 188 18.52 7.41 5.62
N GLU A 189 18.17 7.09 6.87
CA GLU A 189 18.85 6.02 7.59
C GLU A 189 18.73 4.67 6.89
N SER A 190 17.77 4.50 5.96
CA SER A 190 17.70 3.23 5.24
C SER A 190 18.65 3.26 4.06
N ILE A 191 18.71 4.39 3.36
CA ILE A 191 19.72 4.55 2.30
C ILE A 191 21.13 4.46 2.87
N LEU A 192 21.35 4.93 4.09
CA LEU A 192 22.69 5.03 4.66
C LEU A 192 23.12 3.76 5.40
N HIS A 193 22.29 3.28 6.34
CA HIS A 193 22.67 2.17 7.20
C HIS A 193 21.73 0.97 7.07
N ARG A 194 21.04 0.85 5.93
CA ARG A 194 20.03 -0.18 5.68
C ARG A 194 19.21 -0.53 6.92
N ILE A 195 18.94 0.49 7.76
CA ILE A 195 18.07 0.44 8.94
C ILE A 195 16.62 0.68 8.50
N TYR A 196 15.70 -0.13 9.03
CA TYR A 196 14.28 -0.06 8.67
C TYR A 196 13.43 -0.17 9.93
N THR A 197 12.46 0.73 10.05
CA THR A 197 11.65 0.78 11.27
C THR A 197 10.25 1.18 10.87
N HIS A 198 9.31 1.11 11.79
CA HIS A 198 7.96 1.62 11.52
C HIS A 198 8.11 3.11 11.23
N GLN A 199 9.12 3.74 11.83
CA GLN A 199 9.36 5.16 11.52
C GLN A 199 10.05 5.36 10.16
N SER A 200 10.87 4.43 9.67
CA SER A 200 11.29 4.57 8.28
C SER A 200 10.10 4.34 7.34
N ASP A 201 9.11 3.53 7.76
CA ASP A 201 7.88 3.39 6.99
C ASP A 201 7.12 4.72 6.94
N VAL A 202 7.13 5.46 8.05
CA VAL A 202 6.45 6.76 8.09
C VAL A 202 7.03 7.66 7.00
N TRP A 203 8.36 7.68 6.87
CA TRP A 203 9.00 8.41 5.78
C TRP A 203 8.38 8.01 4.44
N SER A 204 8.24 6.72 4.21
CA SER A 204 7.66 6.27 2.92
C SER A 204 6.18 6.69 2.85
N TYR A 205 5.50 6.72 3.99
CA TYR A 205 4.08 7.17 4.07
C TYR A 205 4.03 8.61 3.49
N GLY A 206 4.97 9.45 3.95
CA GLY A 206 5.05 10.84 3.51
C GLY A 206 5.34 11.01 2.03
N VAL A 207 6.17 10.15 1.44
CA VAL A 207 6.45 10.22 -0.02
C VAL A 207 5.21 9.73 -0.77
N THR A 208 4.52 8.74 -0.20
CA THR A 208 3.30 8.25 -0.83
C THR A 208 2.22 9.31 -0.82
N VAL A 209 2.06 10.04 0.30
CA VAL A 209 1.08 11.12 0.31
C VAL A 209 1.42 12.16 -0.74
N TRP A 210 2.71 12.43 -0.91
CA TRP A 210 3.14 13.39 -1.91
C TRP A 210 2.76 12.92 -3.30
N GLU A 211 2.94 11.62 -3.57
CA GLU A 211 2.47 11.08 -4.83
C GLU A 211 0.99 11.36 -5.05
N LEU A 212 0.16 11.20 -4.00
CA LEU A 212 -1.28 11.42 -4.20
C LEU A 212 -1.58 12.89 -4.37
N MET A 213 -0.91 13.75 -3.59
CA MET A 213 -1.24 15.17 -3.61
C MET A 213 -0.82 15.83 -4.90
N THR A 214 0.09 15.22 -5.65
CA THR A 214 0.50 15.71 -6.97
C THR A 214 -0.10 14.87 -8.09
N PHE A 215 -1.17 14.13 -7.78
CA PHE A 215 -1.87 13.29 -8.76
C PHE A 215 -0.91 12.37 -9.49
N GLY A 216 0.06 11.85 -8.75
CA GLY A 216 0.93 10.82 -9.27
C GLY A 216 2.22 11.30 -9.86
N SER A 217 2.77 12.43 -9.40
CA SER A 217 4.09 12.84 -9.85
C SER A 217 5.17 11.87 -9.37
N LYS A 218 6.22 11.75 -10.18
CA LYS A 218 7.39 10.95 -9.78
C LYS A 218 8.27 11.76 -8.85
N PRO A 219 8.56 11.28 -7.64
CA PRO A 219 9.34 12.08 -6.70
C PRO A 219 10.80 12.15 -7.13
N TYR A 220 11.38 13.34 -7.01
CA TYR A 220 12.75 13.57 -7.46
C TYR A 220 12.89 13.21 -8.92
N ASP A 221 11.91 13.58 -9.73
CA ASP A 221 11.92 13.17 -11.14
C ASP A 221 13.15 13.72 -11.85
N GLY A 222 13.86 12.83 -12.55
CA GLY A 222 15.11 13.17 -13.21
C GLY A 222 16.35 13.10 -12.35
N ILE A 223 16.22 13.02 -11.03
CA ILE A 223 17.35 13.00 -10.13
C ILE A 223 17.75 11.55 -9.89
N PRO A 224 18.89 11.08 -10.38
CA PRO A 224 19.25 9.66 -10.23
C PRO A 224 19.42 9.29 -8.77
N ALA A 225 19.06 8.03 -8.46
CA ALA A 225 18.99 7.59 -7.07
C ALA A 225 20.32 7.75 -6.35
N SER A 226 21.44 7.68 -7.07
CA SER A 226 22.75 7.87 -6.44
C SER A 226 22.84 9.23 -5.74
N GLU A 227 22.17 10.24 -6.29
CA GLU A 227 22.17 11.59 -5.73
C GLU A 227 21.21 11.76 -4.55
N ILE A 228 20.20 10.88 -4.42
CA ILE A 228 19.16 11.06 -3.42
C ILE A 228 19.76 11.18 -2.02
N SER A 229 20.67 10.28 -1.68
CA SER A 229 21.32 10.32 -0.37
C SER A 229 21.94 11.69 -0.09
N SER A 230 22.58 12.30 -1.09
CA SER A 230 23.26 13.56 -0.86
C SER A 230 22.26 14.72 -0.79
N ILE A 231 21.31 14.76 -1.72
CA ILE A 231 20.27 15.79 -1.70
C ILE A 231 19.61 15.84 -0.33
N LEU A 232 19.17 14.68 0.18
CA LEU A 232 18.51 14.64 1.49
C LEU A 232 19.45 15.07 2.61
N GLU A 233 20.75 14.88 2.43
CA GLU A 233 21.66 15.29 3.49
C GLU A 233 21.79 16.81 3.52
N LYS A 234 21.80 17.45 2.36
CA LYS A 234 21.82 18.91 2.30
C LYS A 234 20.55 19.54 2.89
N GLY A 235 19.49 18.74 3.07
CA GLY A 235 18.27 19.23 3.67
C GLY A 235 17.16 19.42 2.67
N GLU A 236 17.33 18.96 1.44
CA GLU A 236 16.26 19.04 0.45
C GLU A 236 15.17 18.01 0.73
N ARG A 237 13.95 18.35 0.35
CA ARG A 237 12.81 17.46 0.46
C ARG A 237 11.95 17.70 -0.76
N LEU A 238 10.95 16.83 -0.97
CA LEU A 238 10.03 17.05 -2.08
C LEU A 238 9.30 18.38 -1.86
N PRO A 239 8.99 19.11 -2.93
CA PRO A 239 8.36 20.42 -2.76
C PRO A 239 6.89 20.29 -2.36
N GLN A 240 6.36 21.43 -1.89
CA GLN A 240 4.95 21.50 -1.46
C GLN A 240 4.02 21.37 -2.67
N PRO A 241 3.15 20.38 -2.70
CA PRO A 241 2.29 20.23 -3.88
C PRO A 241 1.31 21.36 -3.99
N PRO A 242 1.05 21.84 -5.20
CA PRO A 242 0.09 22.93 -5.44
C PRO A 242 -1.20 22.86 -4.64
N ILE A 243 -1.93 21.74 -4.65
CA ILE A 243 -3.20 21.71 -3.94
C ILE A 243 -3.05 21.72 -2.42
N CYS A 244 -1.83 21.68 -1.88
CA CYS A 244 -1.64 21.41 -0.46
C CYS A 244 -1.55 22.71 0.35
N THR A 245 -2.44 22.86 1.32
CA THR A 245 -2.24 23.88 2.31
C THR A 245 -1.00 23.55 3.13
N ILE A 246 -0.49 24.56 3.84
CA ILE A 246 0.68 24.32 4.69
C ILE A 246 0.39 23.23 5.73
N ASP A 247 -0.85 23.15 6.25
CA ASP A 247 -1.19 22.08 7.19
C ASP A 247 -0.83 20.70 6.65
N VAL A 248 -1.30 20.38 5.45
CA VAL A 248 -1.02 19.07 4.88
C VAL A 248 0.46 18.93 4.57
N TYR A 249 1.04 19.94 3.91
CA TYR A 249 2.45 19.85 3.55
C TYR A 249 3.32 19.69 4.79
N MET A 250 2.98 20.42 5.86
CA MET A 250 3.76 20.32 7.09
C MET A 250 3.77 18.89 7.64
N ILE A 251 2.62 18.21 7.59
CA ILE A 251 2.59 16.81 7.98
C ILE A 251 3.57 15.99 7.13
N MET A 252 3.54 16.18 5.81
CA MET A 252 4.47 15.44 4.97
C MET A 252 5.90 15.68 5.41
N VAL A 253 6.25 16.95 5.60
CA VAL A 253 7.61 17.31 5.96
C VAL A 253 8.02 16.61 7.24
N LYS A 254 7.11 16.50 8.21
CA LYS A 254 7.44 15.88 9.48
C LYS A 254 7.80 14.40 9.31
N CYS A 255 7.19 13.72 8.32
CA CYS A 255 7.56 12.34 7.99
C CYS A 255 8.98 12.25 7.45
N TRP A 256 9.62 13.39 7.18
CA TRP A 256 10.93 13.45 6.55
C TRP A 256 11.98 14.05 7.46
N MET A 257 11.67 14.08 8.76
CA MET A 257 12.66 14.57 9.75
C MET A 257 13.83 13.59 9.82
N ILE A 258 15.04 14.10 10.04
CA ILE A 258 16.19 13.23 10.19
C ILE A 258 16.03 12.38 11.45
N ASP A 259 15.67 13.00 12.56
CA ASP A 259 15.44 12.21 13.76
C ASP A 259 14.17 11.39 13.54
N ALA A 260 14.35 10.07 13.43
CA ALA A 260 13.23 9.19 13.09
C ALA A 260 12.12 9.23 14.13
N ASP A 261 12.48 9.44 15.41
CA ASP A 261 11.49 9.54 16.48
C ASP A 261 10.78 10.89 16.48
N SER A 262 11.30 11.89 15.77
CA SER A 262 10.57 13.14 15.61
C SER A 262 9.48 13.06 14.53
N ARG A 263 9.46 11.98 13.74
CA ARG A 263 8.43 11.82 12.73
C ARG A 263 7.12 11.39 13.40
N PRO A 264 5.98 11.64 12.76
CA PRO A 264 4.70 11.20 13.34
C PRO A 264 4.59 9.69 13.42
N LYS A 265 3.84 9.24 14.42
CA LYS A 265 3.37 7.85 14.46
C LYS A 265 2.15 7.70 13.55
N PHE A 266 2.02 6.51 12.98
CA PHE A 266 0.83 6.20 12.18
C PHE A 266 -0.46 6.51 12.93
N ARG A 267 -0.54 6.20 14.22
CA ARG A 267 -1.78 6.51 14.95
C ARG A 267 -2.06 8.01 14.99
N GLU A 268 -1.03 8.84 14.81
CA GLU A 268 -1.23 10.28 14.80
C GLU A 268 -1.59 10.74 13.40
N LEU A 269 -0.94 10.19 12.38
CA LEU A 269 -1.33 10.47 11.00
C LEU A 269 -2.81 10.20 10.79
N ILE A 270 -3.29 9.05 11.29
CA ILE A 270 -4.73 8.77 11.25
C ILE A 270 -5.51 9.93 11.83
N ILE A 271 -5.15 10.36 13.03
CA ILE A 271 -5.92 11.40 13.71
C ILE A 271 -5.90 12.69 12.90
N GLU A 272 -4.71 13.12 12.48
CA GLU A 272 -4.60 14.42 11.82
C GLU A 272 -5.39 14.45 10.51
N PHE A 273 -5.20 13.44 9.67
CA PHE A 273 -5.95 13.41 8.43
C PHE A 273 -7.44 13.21 8.69
N SER A 274 -7.81 12.52 9.78
CA SER A 274 -9.24 12.44 10.10
C SER A 274 -9.80 13.83 10.32
N LYS A 275 -9.09 14.64 11.10
CA LYS A 275 -9.57 15.98 11.35
C LYS A 275 -9.72 16.72 10.03
N MET A 276 -8.70 16.63 9.17
CA MET A 276 -8.74 17.36 7.91
C MET A 276 -9.85 16.84 7.01
N ALA A 277 -10.06 15.50 6.99
CA ALA A 277 -11.10 14.92 6.15
C ALA A 277 -12.48 15.41 6.57
N ARG A 278 -12.65 15.84 7.82
CA ARG A 278 -13.93 16.40 8.26
C ARG A 278 -14.25 17.74 7.59
N ASP A 279 -13.24 18.46 7.09
CA ASP A 279 -13.44 19.72 6.36
C ASP A 279 -12.44 19.79 5.22
N PRO A 280 -12.59 18.91 4.22
CA PRO A 280 -11.47 18.74 3.26
C PRO A 280 -11.11 20.02 2.51
N GLN A 281 -12.10 20.85 2.13
CA GLN A 281 -11.75 22.00 1.31
C GLN A 281 -10.92 23.02 2.06
N ARG A 282 -10.83 22.89 3.39
CA ARG A 282 -9.96 23.73 4.18
C ARG A 282 -8.50 23.31 4.11
N TYR A 283 -8.21 22.11 3.59
CA TYR A 283 -6.85 21.59 3.63
C TYR A 283 -6.27 21.26 2.28
N LEU A 284 -7.12 21.00 1.27
CA LEU A 284 -6.67 20.79 -0.12
C LEU A 284 -7.47 21.75 -1.01
N VAL A 285 -6.76 22.46 -1.89
CA VAL A 285 -7.37 23.46 -2.75
C VAL A 285 -7.32 22.89 -4.17
N ILE A 286 -8.48 22.52 -4.70
CA ILE A 286 -8.59 21.76 -5.94
C ILE A 286 -9.66 22.43 -6.79
N GLN A 287 -9.30 22.81 -8.02
CA GLN A 287 -10.25 23.48 -8.90
C GLN A 287 -11.35 22.50 -9.26
N GLY A 288 -12.55 22.71 -8.73
CA GLY A 288 -13.66 21.85 -9.12
C GLY A 288 -14.30 20.99 -8.05
N ASP A 289 -13.99 21.24 -6.77
CA ASP A 289 -14.62 20.48 -5.68
C ASP A 289 -16.14 20.67 -5.65
N ASP A 313 -23.99 -13.09 -10.52
CA ASP A 313 -24.92 -13.85 -9.70
C ASP A 313 -24.20 -14.91 -8.84
N ASP A 314 -24.48 -14.89 -7.53
CA ASP A 314 -23.74 -15.67 -6.53
C ASP A 314 -22.33 -15.16 -6.25
N VAL A 315 -21.95 -14.00 -6.82
CA VAL A 315 -20.65 -13.41 -6.54
C VAL A 315 -20.65 -12.79 -5.15
N VAL A 316 -19.52 -12.94 -4.45
CA VAL A 316 -19.30 -12.42 -3.10
C VAL A 316 -17.92 -11.80 -3.08
N ASP A 317 -17.81 -10.55 -2.64
CA ASP A 317 -16.48 -10.00 -2.52
C ASP A 317 -15.72 -10.73 -1.42
N ALA A 318 -14.40 -10.84 -1.57
CA ALA A 318 -13.61 -11.50 -0.54
C ALA A 318 -13.93 -10.96 0.86
N ASP A 319 -14.12 -9.64 0.99
CA ASP A 319 -14.38 -9.04 2.30
C ASP A 319 -15.66 -9.54 2.96
N GLU A 320 -16.53 -10.23 2.23
CA GLU A 320 -17.70 -10.85 2.86
C GLU A 320 -17.61 -12.36 2.85
N TYR A 321 -16.46 -12.91 2.50
CA TYR A 321 -16.20 -14.33 2.57
C TYR A 321 -15.24 -14.58 3.74
N LEU A 322 -15.78 -14.90 4.92
CA LEU A 322 -14.90 -15.01 6.08
C LEU A 322 -14.63 -16.45 6.53
C10 A1CI6 B . -3.41 -7.09 -7.16
C15 A1CI6 B . -5.94 -5.83 -9.54
C17 A1CI6 B . -3.74 -5.42 -10.44
C21 A1CI6 B . -2.45 -3.65 -11.33
C22 A1CI6 B . -2.01 -3.24 -12.75
C24 A1CI6 B . -4.11 -3.06 -13.84
C28 A1CI6 B . -7.02 -4.44 -11.73
C01 A1CI6 B . -1.95 -12.62 -4.52
C02 A1CI6 B . -1.52 -11.54 -4.73
C03 A1CI6 B . -0.98 -10.14 -5.02
C04 A1CI6 B . -1.68 -9.32 -5.89
C05 A1CI6 B . -1.22 -8.04 -6.16
C06 A1CI6 B . -0.05 -7.58 -5.55
C07 A1CI6 B . 0.66 -8.41 -4.69
C08 A1CI6 B . 0.19 -9.69 -4.42
C12 A1CI6 B . -5.55 -7.46 -6.31
C14 A1CI6 B . -5.35 -6.42 -8.40
C16 A1CI6 B . -5.11 -5.33 -10.57
C18 A1CI6 B . -3.18 -6.00 -9.32
C19 A1CI6 B . -3.99 -6.50 -8.30
C25 A1CI6 B . -5.36 -2.27 -13.43
C27 A1CI6 B . -7.37 -3.24 -12.62
N09 A1CI6 B . -1.94 -7.16 -7.08
N11 A1CI6 B . -4.20 -7.56 -6.19
N13 A1CI6 B . -6.12 -6.91 -7.41
O20 A1CI6 B . -2.86 -4.97 -11.42
O23 A1CI6 B . -2.98 -2.41 -13.31
O26 A1CI6 B . -6.44 -3.13 -13.68
O29 A1CI6 B . -5.64 -4.73 -11.73
H151 A1CI6 B . -7.01 -5.76 -9.63
H211 A1CI6 B . -1.62 -3.55 -10.64
H212 A1CI6 B . -3.27 -3.02 -11.00
H221 A1CI6 B . -1.89 -4.13 -13.35
H222 A1CI6 B . -1.06 -2.71 -12.69
H241 A1CI6 B . -4.16 -4.07 -13.43
H242 A1CI6 B . -4.03 -3.10 -14.92
H281 A1CI6 B . -7.55 -5.31 -12.10
H282 A1CI6 B . -7.33 -4.23 -10.72
H011 A1CI6 B . -2.37 -13.59 -4.30
H041 A1CI6 B . -2.58 -9.67 -6.36
H061 A1CI6 B . 0.32 -6.58 -5.76
H071 A1CI6 B . 1.57 -8.06 -4.22
H081 A1CI6 B . 0.73 -10.34 -3.74
H121 A1CI6 B . -6.18 -7.83 -5.51
H181 A1CI6 B . -2.10 -6.07 -9.24
H252 A1CI6 B . -5.44 -1.37 -14.03
H251 A1CI6 B . -5.31 -2.01 -12.38
H272 A1CI6 B . -8.36 -3.37 -13.02
H271 A1CI6 B . -7.33 -2.33 -12.02
H091 A1CI6 B . -1.41 -6.56 -7.69
#